data_3N5N
#
_entry.id   3N5N
#
_cell.length_a   60.311
_cell.length_b   82.167
_cell.length_c   63.460
_cell.angle_alpha   90.00
_cell.angle_beta   100.90
_cell.angle_gamma   90.00
#
_symmetry.space_group_name_H-M   'P 1 21 1'
#
loop_
_entity.id
_entity.type
_entity.pdbx_description
1 polymer 'A/G-specific adenine DNA glycosylase'
2 non-polymer 'IRON/SULFUR CLUSTER'
3 non-polymer 'ACETATE ION'
4 water water
#
_entity_poly.entity_id   1
_entity_poly.type   'polypeptide(L)'
_entity_poly.pdbx_seq_one_letter_code
;ASVSSYHLFRDVAEVTAFRGSLLSWYDQEKRDLPWRRRAEDEMDLDRRAYAVWVSEVMLQQTQVATVINYYTGWMQKWPT
LQDLASASLEEVNQLWAGLGYYSRGRRLQEGARKVVEELGGHMPRTAETLQQLLPGVGRYTAGAIASIAFGQATGVVDGN
VARVLCRVRAIGADPSSTLVSQQLWGLAQQLVDPARPGDFNQAAMELGATVCTPQRPLCSQCPVESLCRARQRVEQEQLL
ASGSLSGSPDVEECAPNTGQCHLCLPPSEPWDQTLGVVNFPRKASRK
;
_entity_poly.pdbx_strand_id   X,Y
#
loop_
_chem_comp.id
_chem_comp.type
_chem_comp.name
_chem_comp.formula
ACT non-polymer 'ACETATE ION' 'C2 H3 O2 -1'
SF4 non-polymer 'IRON/SULFUR CLUSTER' 'Fe4 S4'
#
# COMPACT_ATOMS: atom_id res chain seq x y z
N SER A 4 25.34 17.72 27.20
CA SER A 4 24.91 17.54 28.59
C SER A 4 24.20 18.78 29.14
N SER A 5 23.83 19.68 28.23
CA SER A 5 22.98 20.81 28.58
C SER A 5 21.99 21.19 27.47
N TYR A 6 22.49 21.99 26.52
CA TYR A 6 21.73 22.54 25.41
C TYR A 6 21.53 21.54 24.38
N HIS A 7 21.89 20.31 24.71
CA HIS A 7 21.76 19.19 23.78
C HIS A 7 20.69 18.23 24.29
N LEU A 8 19.98 18.65 25.32
CA LEU A 8 18.97 17.79 25.94
C LEU A 8 17.61 18.45 25.90
N PHE A 9 16.57 17.73 26.31
CA PHE A 9 15.23 18.31 26.45
C PHE A 9 14.94 18.51 27.93
N ARG A 10 15.24 19.71 28.41
CA ARG A 10 15.13 20.05 29.83
C ARG A 10 13.71 20.25 30.33
N ASP A 11 12.84 20.81 29.50
CA ASP A 11 11.47 21.05 29.93
C ASP A 11 10.41 20.20 29.30
N VAL A 12 9.57 19.67 30.17
CA VAL A 12 8.46 18.82 29.80
C VAL A 12 7.60 19.48 28.72
N ALA A 13 7.33 20.77 28.91
CA ALA A 13 6.52 21.50 27.96
C ALA A 13 7.08 21.33 26.54
N GLU A 14 8.39 21.34 26.40
CA GLU A 14 8.98 21.20 25.09
C GLU A 14 8.82 19.76 24.53
N VAL A 15 8.99 18.76 25.40
CA VAL A 15 8.84 17.38 24.99
C VAL A 15 7.43 17.22 24.45
N THR A 16 6.48 17.73 25.24
CA THR A 16 5.06 17.69 24.88
C THR A 16 4.79 18.36 23.51
N ALA A 17 5.45 19.49 23.25
CA ALA A 17 5.29 20.21 21.95
C ALA A 17 5.91 19.42 20.80
N PHE A 18 7.05 18.77 21.07
CA PHE A 18 7.71 17.98 20.06
C PHE A 18 6.79 16.80 19.68
N ARG A 19 6.31 16.07 20.68
CA ARG A 19 5.38 14.97 20.43
C ARG A 19 4.16 15.40 19.64
N GLY A 20 3.49 16.45 20.08
CA GLY A 20 2.27 16.91 19.39
C GLY A 20 2.49 17.35 17.93
N SER A 21 3.53 18.12 17.69
CA SER A 21 3.80 18.59 16.32
C SER A 21 4.13 17.46 15.41
N LEU A 22 5.07 16.63 15.81
CA LEU A 22 5.52 15.48 15.02
C LEU A 22 4.33 14.58 14.68
N LEU A 23 3.56 14.19 15.70
CA LEU A 23 2.40 13.31 15.50
C LEU A 23 1.30 13.89 14.61
N SER A 24 0.97 15.17 14.78
CA SER A 24 -0.06 15.72 13.92
C SER A 24 0.43 15.87 12.49
N TRP A 25 1.68 16.23 12.30
CA TRP A 25 2.23 16.26 10.96
C TRP A 25 2.16 14.84 10.35
N TYR A 26 2.56 13.87 11.12
CA TYR A 26 2.56 12.52 10.67
C TYR A 26 1.14 12.02 10.26
N ASP A 27 0.14 12.31 11.09
CA ASP A 27 -1.21 11.88 10.78
C ASP A 27 -1.72 12.46 9.46
N GLN A 28 -1.14 13.58 9.01
CA GLN A 28 -1.58 14.14 7.76
C GLN A 28 -0.64 13.95 6.59
N GLU A 29 0.64 13.70 6.86
CA GLU A 29 1.62 13.60 5.76
C GLU A 29 2.29 12.25 5.53
N LYS A 30 2.17 11.33 6.47
CA LYS A 30 2.82 10.04 6.31
C LYS A 30 2.53 9.39 4.95
N ARG A 31 3.49 8.65 4.41
CA ARG A 31 3.22 7.95 3.18
C ARG A 31 2.40 6.69 3.48
N ASP A 32 1.57 6.30 2.53
CA ASP A 32 0.76 5.09 2.66
C ASP A 32 1.62 3.87 2.24
N LEU A 33 1.98 3.03 3.20
CA LEU A 33 2.84 1.89 2.98
C LEU A 33 2.09 0.64 3.38
N PRO A 34 2.20 -0.45 2.60
CA PRO A 34 1.41 -1.61 2.92
C PRO A 34 1.62 -2.15 4.34
N TRP A 35 2.83 -2.05 4.90
CA TRP A 35 3.05 -2.60 6.24
C TRP A 35 2.41 -1.73 7.30
N ARG A 36 2.39 -0.41 7.07
CA ARG A 36 1.72 0.48 8.03
C ARG A 36 0.24 0.25 8.01
N ARG A 37 -0.31 0.01 6.82
CA ARG A 37 -1.70 -0.28 6.73
C ARG A 37 -2.01 -1.66 7.37
N ARG A 38 -1.32 -2.69 6.93
CA ARG A 38 -1.54 -3.98 7.49
C ARG A 38 -1.45 -3.96 9.02
N ALA A 39 -0.38 -3.36 9.54
CA ALA A 39 -0.17 -3.31 10.97
C ALA A 39 -1.30 -2.63 11.70
N GLU A 40 -1.71 -1.47 11.24
CA GLU A 40 -2.80 -0.79 11.95
C GLU A 40 -4.12 -1.55 11.83
N ASP A 41 -4.31 -2.31 10.74
CA ASP A 41 -5.58 -3.05 10.54
C ASP A 41 -5.68 -4.42 11.19
N GLU A 42 -4.55 -5.02 11.50
CA GLU A 42 -4.53 -6.37 12.09
C GLU A 42 -4.84 -6.35 13.58
N MET A 43 -5.86 -7.13 13.99
CA MET A 43 -6.27 -7.11 15.37
C MET A 43 -5.67 -8.22 16.21
N ASP A 44 -5.17 -9.25 15.56
CA ASP A 44 -4.46 -10.31 16.27
C ASP A 44 -2.97 -9.86 16.45
N LEU A 45 -2.56 -9.62 17.70
CA LEU A 45 -1.21 -9.14 18.00
C LEU A 45 -0.03 -9.98 17.39
N ASP A 46 -0.19 -11.29 17.33
CA ASP A 46 0.82 -12.13 16.77
C ASP A 46 1.00 -11.94 15.25
N ARG A 47 -0.10 -11.70 14.57
CA ARG A 47 -0.07 -11.47 13.15
C ARG A 47 0.42 -10.07 12.90
N ARG A 48 0.02 -9.15 13.77
CA ARG A 48 0.47 -7.77 13.62
C ARG A 48 2.00 -7.68 13.79
N ALA A 49 2.51 -8.29 14.87
CA ALA A 49 3.93 -8.25 15.17
C ALA A 49 4.77 -8.95 14.05
N TYR A 50 4.24 -10.03 13.53
CA TYR A 50 4.91 -10.73 12.46
C TYR A 50 4.98 -9.81 11.21
N ALA A 51 3.87 -9.12 10.91
CA ALA A 51 3.79 -8.22 9.79
C ALA A 51 4.81 -7.09 9.95
N VAL A 52 4.97 -6.59 11.17
CA VAL A 52 5.93 -5.51 11.38
C VAL A 52 7.33 -6.08 11.26
N TRP A 53 7.53 -7.27 11.84
CA TRP A 53 8.80 -7.94 11.78
C TRP A 53 9.30 -8.15 10.33
N VAL A 54 8.44 -8.63 9.46
CA VAL A 54 8.83 -8.85 8.11
C VAL A 54 9.24 -7.55 7.45
N SER A 55 8.42 -6.52 7.57
CA SER A 55 8.74 -5.25 6.93
C SER A 55 10.08 -4.71 7.45
N GLU A 56 10.32 -4.82 8.77
CA GLU A 56 11.58 -4.32 9.34
C GLU A 56 12.82 -5.02 8.77
N VAL A 57 12.76 -6.34 8.65
CA VAL A 57 13.89 -7.06 8.12
C VAL A 57 14.07 -6.69 6.66
N MET A 58 12.96 -6.54 5.93
CA MET A 58 13.05 -6.16 4.56
C MET A 58 13.66 -4.77 4.40
N LEU A 59 13.22 -3.82 5.22
CA LEU A 59 13.70 -2.45 5.10
C LEU A 59 15.16 -2.30 5.49
N GLN A 60 15.71 -3.24 6.24
CA GLN A 60 17.05 -3.04 6.74
C GLN A 60 18.14 -2.98 5.63
N GLN A 61 18.12 -3.90 4.68
CA GLN A 61 19.14 -3.83 3.63
C GLN A 61 18.62 -3.38 2.26
N THR A 62 17.52 -2.61 2.26
CA THR A 62 16.94 -2.19 0.99
C THR A 62 15.94 -0.99 1.05
N GLN A 63 15.93 -0.19 -0.03
CA GLN A 63 15.09 1.01 -0.15
C GLN A 63 13.56 0.76 -0.20
N VAL A 64 12.81 1.69 0.40
CA VAL A 64 11.36 1.59 0.55
C VAL A 64 10.66 1.23 -0.74
N ALA A 65 11.04 1.92 -1.81
CA ALA A 65 10.45 1.72 -3.13
C ALA A 65 10.47 0.28 -3.57
N THR A 66 11.51 -0.45 -3.24
CA THR A 66 11.54 -1.82 -3.68
C THR A 66 10.85 -2.76 -2.65
N VAL A 67 10.94 -2.44 -1.38
CA VAL A 67 10.25 -3.26 -0.41
C VAL A 67 8.71 -3.32 -0.69
N ILE A 68 8.12 -2.25 -1.23
CA ILE A 68 6.71 -2.28 -1.58
C ILE A 68 6.36 -3.53 -2.42
N ASN A 69 7.11 -3.75 -3.49
CA ASN A 69 6.90 -4.90 -4.40
C ASN A 69 6.91 -6.24 -3.69
N TYR A 70 7.93 -6.46 -2.87
CA TYR A 70 8.11 -7.75 -2.23
C TYR A 70 7.28 -7.99 -1.01
N TYR A 71 6.97 -6.94 -0.27
CA TYR A 71 6.30 -7.11 0.99
C TYR A 71 4.94 -7.75 0.76
N THR A 72 4.21 -7.18 -0.17
CA THR A 72 2.89 -7.65 -0.48
C THR A 72 2.83 -9.10 -0.89
N GLY A 73 3.74 -9.51 -1.78
CA GLY A 73 3.79 -10.88 -2.27
C GLY A 73 4.16 -11.84 -1.15
N TRP A 74 5.11 -11.43 -0.31
CA TRP A 74 5.51 -12.23 0.81
C TRP A 74 4.30 -12.50 1.74
N MET A 75 3.67 -11.44 2.29
CA MET A 75 2.48 -11.61 3.16
C MET A 75 1.36 -12.38 2.45
N GLN A 76 1.28 -12.24 1.14
CA GLN A 76 0.24 -12.97 0.39
C GLN A 76 0.44 -14.46 0.54
N LYS A 77 1.69 -14.89 0.44
CA LYS A 77 2.02 -16.26 0.48
C LYS A 77 2.11 -16.79 1.92
N TRP A 78 2.64 -15.98 2.82
CA TRP A 78 2.79 -16.38 4.18
C TRP A 78 2.29 -15.33 5.13
N PRO A 79 0.96 -15.21 5.27
CA PRO A 79 0.34 -14.17 6.09
C PRO A 79 0.57 -14.30 7.58
N THR A 80 1.06 -15.46 8.04
CA THR A 80 1.32 -15.67 9.50
C THR A 80 2.68 -16.35 9.78
N LEU A 81 3.12 -16.25 11.04
CA LEU A 81 4.32 -16.94 11.53
C LEU A 81 4.25 -18.42 11.18
N GLN A 82 3.10 -19.03 11.49
CA GLN A 82 2.93 -20.44 11.23
C GLN A 82 3.22 -20.75 9.75
N ASP A 83 2.57 -20.02 8.84
CA ASP A 83 2.78 -20.24 7.38
C ASP A 83 4.25 -20.13 7.00
N LEU A 84 4.93 -19.11 7.50
CA LEU A 84 6.36 -18.98 7.16
C LEU A 84 7.17 -20.12 7.78
N ALA A 85 6.78 -20.53 9.00
CA ALA A 85 7.48 -21.64 9.68
C ALA A 85 7.52 -22.91 8.86
N SER A 86 6.50 -23.17 8.06
CA SER A 86 6.55 -24.39 7.30
C SER A 86 6.94 -24.28 5.83
N ALA A 87 7.43 -23.13 5.42
CA ALA A 87 7.87 -22.96 4.04
C ALA A 87 9.23 -23.58 3.93
N SER A 88 9.62 -23.98 2.74
CA SER A 88 10.95 -24.54 2.54
C SER A 88 11.99 -23.42 2.32
N LEU A 89 13.25 -23.76 2.53
CA LEU A 89 14.35 -22.82 2.31
C LEU A 89 14.32 -22.33 0.86
N GLU A 90 14.00 -23.24 -0.05
CA GLU A 90 13.96 -22.88 -1.47
C GLU A 90 12.88 -21.85 -1.79
N GLU A 91 11.68 -22.01 -1.20
CA GLU A 91 10.60 -21.04 -1.39
C GLU A 91 10.98 -19.66 -0.90
N VAL A 92 11.63 -19.60 0.27
CA VAL A 92 12.09 -18.34 0.84
C VAL A 92 13.08 -17.63 -0.07
N ASN A 93 14.08 -18.36 -0.55
CA ASN A 93 15.04 -17.79 -1.47
C ASN A 93 14.39 -17.14 -2.68
N GLN A 94 13.46 -17.84 -3.34
CA GLN A 94 12.70 -17.27 -4.47
C GLN A 94 11.97 -15.97 -4.12
N LEU A 95 11.25 -15.95 -2.99
CA LEU A 95 10.53 -14.75 -2.59
C LEU A 95 11.48 -13.67 -2.11
N TRP A 96 12.70 -14.05 -1.75
CA TRP A 96 13.66 -13.07 -1.23
C TRP A 96 14.49 -12.45 -2.35
N ALA A 97 14.69 -13.21 -3.43
CA ALA A 97 15.52 -12.77 -4.55
C ALA A 97 15.28 -11.31 -4.88
N GLY A 98 16.32 -10.51 -4.86
CA GLY A 98 16.19 -9.09 -5.14
C GLY A 98 16.16 -8.19 -3.90
N LEU A 99 16.16 -8.81 -2.70
CA LEU A 99 16.17 -8.07 -1.43
C LEU A 99 17.57 -7.95 -0.81
N GLY A 100 18.58 -8.47 -1.49
CA GLY A 100 19.94 -8.40 -0.97
C GLY A 100 20.42 -9.67 -0.27
N TYR A 101 21.21 -9.50 0.79
CA TYR A 101 21.75 -10.64 1.55
C TYR A 101 20.63 -11.62 1.92
N TYR A 102 20.75 -12.84 1.42
CA TYR A 102 19.74 -13.88 1.62
C TYR A 102 19.63 -14.34 3.07
N SER A 103 20.74 -14.34 3.78
CA SER A 103 20.75 -14.83 5.16
C SER A 103 19.77 -14.08 6.06
N ARG A 104 19.47 -12.82 5.75
CA ARG A 104 18.52 -12.08 6.60
C ARG A 104 17.17 -12.76 6.43
N GLY A 105 16.91 -13.21 5.20
CA GLY A 105 15.67 -13.87 4.90
C GLY A 105 15.59 -15.25 5.53
N ARG A 106 16.68 -16.03 5.41
CA ARG A 106 16.74 -17.38 6.02
C ARG A 106 16.58 -17.22 7.52
N ARG A 107 17.21 -16.19 8.06
CA ARG A 107 17.11 -15.92 9.48
C ARG A 107 15.71 -15.47 9.94
N LEU A 108 14.97 -14.85 9.05
CA LEU A 108 13.60 -14.45 9.38
C LEU A 108 12.75 -15.72 9.47
N GLN A 109 12.88 -16.62 8.49
CA GLN A 109 12.15 -17.89 8.50
C GLN A 109 12.52 -18.78 9.68
N GLU A 110 13.80 -18.84 10.02
CA GLU A 110 14.21 -19.63 11.17
C GLU A 110 13.71 -18.96 12.44
N GLY A 111 13.55 -17.64 12.40
CA GLY A 111 12.94 -16.97 13.52
C GLY A 111 11.50 -17.42 13.71
N ALA A 112 10.73 -17.43 12.62
CA ALA A 112 9.32 -17.81 12.72
C ALA A 112 9.20 -19.22 13.21
N ARG A 113 10.12 -20.06 12.74
CA ARG A 113 10.08 -21.46 13.10
C ARG A 113 10.39 -21.63 14.57
N LYS A 114 11.35 -20.86 15.07
CA LYS A 114 11.66 -20.89 16.49
C LYS A 114 10.44 -20.45 17.34
N VAL A 115 9.73 -19.41 16.89
CA VAL A 115 8.56 -18.93 17.60
C VAL A 115 7.49 -19.99 17.73
N VAL A 116 7.38 -20.84 16.70
CA VAL A 116 6.34 -21.86 16.65
C VAL A 116 6.73 -23.06 17.45
N GLU A 117 7.98 -23.44 17.34
CA GLU A 117 8.45 -24.64 17.98
C GLU A 117 8.95 -24.50 19.41
N GLU A 118 9.36 -23.31 19.81
CA GLU A 118 9.87 -23.14 21.18
C GLU A 118 9.09 -22.17 22.03
N LEU A 119 8.25 -21.36 21.39
CA LEU A 119 7.58 -20.29 22.11
C LEU A 119 6.08 -20.39 22.05
N GLY A 120 5.55 -21.54 21.67
CA GLY A 120 4.11 -21.73 21.53
C GLY A 120 3.44 -20.81 20.51
N GLY A 121 4.19 -20.32 19.52
CA GLY A 121 3.59 -19.47 18.45
C GLY A 121 3.34 -18.04 18.89
N HIS A 122 3.77 -17.70 20.11
CA HIS A 122 3.57 -16.38 20.67
C HIS A 122 4.83 -15.54 20.44
N MET A 123 4.64 -14.34 19.86
CA MET A 123 5.74 -13.36 19.71
C MET A 123 5.96 -12.73 21.09
N PRO A 124 7.18 -12.69 21.58
CA PRO A 124 7.36 -12.08 22.92
C PRO A 124 6.92 -10.63 22.88
N ARG A 125 6.28 -10.18 23.95
CA ARG A 125 5.66 -8.88 24.00
C ARG A 125 6.47 -7.66 24.40
N THR A 126 7.76 -7.81 24.69
CA THR A 126 8.55 -6.63 25.07
C THR A 126 9.80 -6.57 24.23
N ALA A 127 10.32 -5.36 24.12
CA ALA A 127 11.52 -5.14 23.37
C ALA A 127 12.68 -5.99 23.88
N GLU A 128 12.88 -6.07 25.19
CA GLU A 128 14.04 -6.84 25.67
C GLU A 128 13.84 -8.35 25.40
N THR A 129 12.69 -8.83 25.72
CA THR A 129 12.31 -10.16 25.47
C THR A 129 12.41 -10.51 23.95
N LEU A 130 11.99 -9.59 23.10
CA LEU A 130 12.06 -9.78 21.65
C LEU A 130 13.51 -9.84 21.18
N GLN A 131 14.37 -9.11 21.86
CA GLN A 131 15.79 -9.08 21.53
C GLN A 131 16.48 -10.35 22.02
N GLN A 132 16.06 -10.83 23.18
CA GLN A 132 16.62 -12.03 23.76
C GLN A 132 16.25 -13.30 23.00
N LEU A 133 15.08 -13.34 22.38
CA LEU A 133 14.60 -14.58 21.86
C LEU A 133 14.67 -14.82 20.38
N LEU A 134 14.50 -13.76 19.58
CA LEU A 134 14.47 -13.89 18.14
C LEU A 134 15.86 -13.69 17.50
N PRO A 135 16.30 -14.66 16.69
CA PRO A 135 17.63 -14.53 16.07
C PRO A 135 17.70 -13.32 15.12
N GLY A 136 18.79 -12.58 15.17
CA GLY A 136 18.99 -11.42 14.27
C GLY A 136 18.23 -10.18 14.63
N VAL A 137 17.36 -10.25 15.64
CA VAL A 137 16.58 -9.07 16.05
C VAL A 137 17.35 -8.24 17.09
N GLY A 138 17.92 -7.14 16.66
CA GLY A 138 18.65 -6.27 17.52
C GLY A 138 17.83 -5.25 18.28
N ARG A 139 18.50 -4.27 18.86
CA ARG A 139 17.82 -3.30 19.67
C ARG A 139 16.80 -2.53 18.89
N TYR A 140 17.16 -2.17 17.66
CA TYR A 140 16.23 -1.42 16.79
C TYR A 140 14.96 -2.21 16.38
N THR A 141 15.15 -3.35 15.73
CA THR A 141 14.03 -4.17 15.31
C THR A 141 13.11 -4.55 16.50
N ALA A 142 13.70 -4.92 17.63
CA ALA A 142 12.92 -5.30 18.81
C ALA A 142 12.03 -4.13 19.19
N GLY A 143 12.63 -2.94 19.23
CA GLY A 143 11.92 -1.73 19.60
C GLY A 143 10.85 -1.35 18.61
N ALA A 144 11.11 -1.61 17.34
CA ALA A 144 10.11 -1.26 16.30
C ALA A 144 8.89 -2.18 16.45
N ILE A 145 9.14 -3.47 16.67
CA ILE A 145 8.04 -4.40 16.83
C ILE A 145 7.25 -4.12 18.10
N ALA A 146 7.94 -3.88 19.21
CA ALA A 146 7.30 -3.70 20.50
C ALA A 146 6.47 -2.44 20.55
N SER A 147 7.01 -1.34 20.01
CA SER A 147 6.32 -0.06 20.03
C SER A 147 5.20 0.00 18.99
N ILE A 148 5.43 -0.63 17.84
CA ILE A 148 4.45 -0.63 16.76
C ILE A 148 3.33 -1.64 17.02
N ALA A 149 3.70 -2.90 17.18
CA ALA A 149 2.72 -3.99 17.40
C ALA A 149 2.06 -3.97 18.77
N PHE A 150 2.84 -3.71 19.82
CA PHE A 150 2.30 -3.86 21.19
C PHE A 150 2.04 -2.57 21.94
N GLY A 151 2.41 -1.45 21.37
CA GLY A 151 2.19 -0.17 22.06
C GLY A 151 3.16 0.06 23.22
N GLN A 152 4.24 -0.73 23.32
CA GLN A 152 5.23 -0.50 24.39
C GLN A 152 5.96 0.83 24.14
N ALA A 153 6.14 1.62 25.20
CA ALA A 153 6.78 2.92 25.08
C ALA A 153 8.29 2.80 25.06
N THR A 154 8.82 2.40 23.94
CA THR A 154 10.29 2.30 23.77
C THR A 154 10.65 3.07 22.53
N GLY A 155 11.54 4.03 22.67
CA GLY A 155 11.99 4.81 21.53
C GLY A 155 13.08 4.11 20.73
N VAL A 156 13.17 4.44 19.47
CA VAL A 156 14.09 3.77 18.62
C VAL A 156 14.90 4.69 17.72
N VAL A 157 16.15 4.34 17.48
CA VAL A 157 16.99 5.19 16.67
C VAL A 157 17.64 4.45 15.52
N ASP A 158 17.28 4.83 14.30
CA ASP A 158 17.95 4.32 13.11
C ASP A 158 18.63 5.56 12.48
N GLY A 159 19.18 5.41 11.28
CA GLY A 159 19.88 6.51 10.62
C GLY A 159 19.04 7.77 10.53
N ASN A 160 17.76 7.61 10.15
CA ASN A 160 16.85 8.72 9.99
C ASN A 160 16.56 9.50 11.25
N VAL A 161 16.27 8.79 12.32
CA VAL A 161 16.03 9.42 13.59
C VAL A 161 17.30 10.11 14.10
N ALA A 162 18.46 9.50 13.84
CA ALA A 162 19.73 10.03 14.29
C ALA A 162 20.03 11.35 13.60
N ARG A 163 19.75 11.41 12.30
CA ARG A 163 19.97 12.64 11.58
C ARG A 163 19.07 13.71 12.22
N VAL A 164 17.79 13.39 12.42
CA VAL A 164 16.86 14.35 13.04
C VAL A 164 17.30 14.82 14.44
N LEU A 165 17.60 13.89 15.34
CA LEU A 165 18.00 14.24 16.70
C LEU A 165 19.32 15.03 16.74
N CYS A 166 20.25 14.69 15.86
CA CYS A 166 21.51 15.42 15.81
C CYS A 166 21.30 16.87 15.42
N ARG A 167 20.30 17.11 14.62
CA ARG A 167 20.03 18.46 14.20
C ARG A 167 19.22 19.16 15.27
N VAL A 168 18.14 18.51 15.72
CA VAL A 168 17.27 19.06 16.75
C VAL A 168 17.99 19.50 18.04
N ARG A 169 19.04 18.78 18.41
CA ARG A 169 19.79 19.07 19.63
C ARG A 169 21.24 19.43 19.28
N ALA A 170 21.45 19.77 18.03
CA ALA A 170 22.78 20.14 17.57
C ALA A 170 23.88 19.31 18.20
N ILE A 171 23.98 18.05 17.77
CA ILE A 171 25.06 17.17 18.22
C ILE A 171 26.06 16.96 17.07
N GLY A 172 27.26 17.47 17.23
CA GLY A 172 28.22 17.39 16.13
C GLY A 172 29.28 16.34 16.29
N ALA A 173 29.31 15.69 17.45
CA ALA A 173 30.32 14.66 17.72
C ALA A 173 30.06 13.47 16.81
N ASP A 174 31.12 12.72 16.48
CA ASP A 174 31.01 11.52 15.62
C ASP A 174 29.86 10.58 16.09
N PRO A 175 28.78 10.48 15.28
CA PRO A 175 27.60 9.66 15.63
C PRO A 175 27.90 8.18 15.88
N SER A 176 28.93 7.64 15.23
CA SER A 176 29.28 6.23 15.43
C SER A 176 29.97 6.07 16.78
N SER A 177 30.23 7.19 17.43
CA SER A 177 30.82 7.18 18.75
C SER A 177 29.87 6.46 19.68
N THR A 178 30.42 5.84 20.71
CA THR A 178 29.61 5.13 21.68
C THR A 178 28.83 6.12 22.59
N LEU A 179 29.48 7.21 22.99
CA LEU A 179 28.82 8.24 23.82
C LEU A 179 27.65 8.87 23.05
N VAL A 180 27.87 9.19 21.78
CA VAL A 180 26.81 9.76 20.98
C VAL A 180 25.60 8.83 20.75
N SER A 181 25.86 7.57 20.44
CA SER A 181 24.77 6.61 20.21
C SER A 181 23.97 6.56 21.47
N GLN A 182 24.66 6.40 22.58
CA GLN A 182 23.96 6.29 23.84
C GLN A 182 23.16 7.53 24.17
N GLN A 183 23.66 8.70 23.78
CA GLN A 183 22.92 9.94 23.96
C GLN A 183 21.68 10.01 23.05
N LEU A 184 21.79 9.54 21.82
CA LEU A 184 20.64 9.57 20.93
C LEU A 184 19.56 8.62 21.41
N TRP A 185 19.98 7.45 21.87
CA TRP A 185 19.03 6.50 22.38
C TRP A 185 18.34 7.04 23.60
N GLY A 186 19.07 7.79 24.41
CA GLY A 186 18.52 8.42 25.60
C GLY A 186 17.45 9.44 25.19
N LEU A 187 17.77 10.29 24.20
CA LEU A 187 16.83 11.27 23.69
C LEU A 187 15.59 10.60 23.14
N ALA A 188 15.78 9.56 22.35
CA ALA A 188 14.66 8.87 21.76
C ALA A 188 13.76 8.30 22.85
N GLN A 189 14.38 7.77 23.89
CA GLN A 189 13.62 7.15 24.98
C GLN A 189 12.84 8.19 25.74
N GLN A 190 13.39 9.38 25.85
CA GLN A 190 12.71 10.45 26.55
C GLN A 190 11.59 11.07 25.67
N LEU A 191 11.81 11.12 24.35
CA LEU A 191 10.84 11.72 23.46
C LEU A 191 9.65 10.85 23.13
N VAL A 192 9.86 9.53 23.09
CA VAL A 192 8.80 8.64 22.65
C VAL A 192 7.49 8.87 23.37
N ASP A 193 6.42 9.00 22.61
CA ASP A 193 5.11 9.29 23.15
C ASP A 193 4.49 8.08 23.88
N PRO A 194 4.19 8.22 25.17
CA PRO A 194 3.65 7.09 25.97
C PRO A 194 2.31 6.54 25.48
N ALA A 195 1.50 7.38 24.85
CA ALA A 195 0.18 6.95 24.36
C ALA A 195 0.24 6.37 22.95
N ARG A 196 1.13 6.90 22.11
CA ARG A 196 1.27 6.44 20.72
C ARG A 196 2.76 6.28 20.35
N PRO A 197 3.44 5.34 21.01
CA PRO A 197 4.87 5.17 20.80
C PRO A 197 5.16 4.64 19.41
N GLY A 198 4.30 3.77 18.92
CA GLY A 198 4.48 3.28 17.56
C GLY A 198 4.47 4.39 16.51
N ASP A 199 3.44 5.22 16.53
CA ASP A 199 3.36 6.28 15.56
C ASP A 199 4.49 7.25 15.76
N PHE A 200 4.90 7.44 17.01
CA PHE A 200 5.91 8.39 17.24
C PHE A 200 7.19 7.95 16.57
N ASN A 201 7.55 6.68 16.75
CA ASN A 201 8.76 6.14 16.15
C ASN A 201 8.66 6.25 14.63
N GLN A 202 7.53 5.84 14.09
CA GLN A 202 7.35 5.91 12.66
C GLN A 202 7.36 7.35 12.14
N ALA A 203 6.86 8.26 12.95
CA ALA A 203 6.85 9.69 12.58
C ALA A 203 8.28 10.24 12.56
N ALA A 204 9.07 9.90 13.57
CA ALA A 204 10.47 10.38 13.64
C ALA A 204 11.26 9.85 12.43
N MET A 205 11.12 8.58 12.14
CA MET A 205 11.80 8.03 10.98
C MET A 205 11.32 8.70 9.68
N GLU A 206 10.01 8.88 9.56
CA GLU A 206 9.39 9.44 8.36
C GLU A 206 9.93 10.88 8.12
N LEU A 207 10.03 11.62 9.21
CA LEU A 207 10.55 12.98 9.14
C LEU A 207 11.95 12.91 8.55
N GLY A 208 12.74 11.94 8.99
CA GLY A 208 14.12 11.79 8.49
C GLY A 208 14.20 11.37 7.04
N ALA A 209 13.23 10.58 6.62
CA ALA A 209 13.18 10.05 5.27
C ALA A 209 12.61 11.05 4.26
N THR A 210 11.75 11.95 4.73
CA THR A 210 11.07 12.87 3.82
C THR A 210 11.54 14.31 3.95
N VAL A 211 11.44 14.87 5.15
CA VAL A 211 11.73 16.28 5.36
C VAL A 211 13.18 16.57 5.74
N CYS A 212 13.69 15.89 6.75
CA CYS A 212 15.00 16.19 7.28
C CYS A 212 16.03 15.26 6.61
N THR A 213 16.17 15.41 5.31
CA THR A 213 17.00 14.55 4.50
C THR A 213 18.50 14.82 4.61
N PRO A 214 19.31 13.85 4.18
CA PRO A 214 20.77 14.02 4.21
C PRO A 214 21.18 15.36 3.65
N GLN A 215 20.63 15.70 2.48
CA GLN A 215 20.93 16.96 1.79
C GLN A 215 19.69 17.84 1.71
N ARG A 216 19.90 19.13 1.46
CA ARG A 216 18.82 20.08 1.32
C ARG A 216 17.50 19.69 2.04
N PRO A 217 17.51 19.72 3.38
CA PRO A 217 16.32 19.43 4.21
C PRO A 217 15.22 20.49 4.06
N LEU A 218 13.96 20.07 4.16
CA LEU A 218 12.84 20.99 4.00
C LEU A 218 12.42 21.63 5.31
N CYS A 219 13.31 22.42 5.89
CA CYS A 219 13.05 23.09 7.18
C CYS A 219 11.80 23.96 7.22
N SER A 220 11.40 24.52 6.09
CA SER A 220 10.23 25.40 6.07
C SER A 220 8.95 24.60 6.15
N GLN A 221 9.04 23.31 5.87
CA GLN A 221 7.88 22.44 5.96
C GLN A 221 7.96 21.53 7.14
N CYS A 222 9.02 21.67 7.92
CA CYS A 222 9.26 20.81 9.08
C CYS A 222 8.35 21.16 10.26
N PRO A 223 7.68 20.17 10.82
CA PRO A 223 6.73 20.43 11.92
C PRO A 223 7.44 20.72 13.21
N VAL A 224 8.74 20.57 13.19
CA VAL A 224 9.54 20.68 14.37
C VAL A 224 10.59 21.82 14.28
N GLU A 225 10.46 22.66 13.26
CA GLU A 225 11.39 23.77 13.03
C GLU A 225 11.65 24.64 14.26
N SER A 226 10.61 24.99 14.97
CA SER A 226 10.74 25.85 16.14
C SER A 226 11.64 25.34 17.22
N LEU A 227 11.64 24.03 17.43
CA LEU A 227 12.41 23.45 18.50
C LEU A 227 13.75 22.92 18.00
N CYS A 228 14.08 23.22 16.76
CA CYS A 228 15.28 22.66 16.18
C CYS A 228 16.48 23.54 16.41
N ARG A 229 17.34 23.07 17.29
CA ARG A 229 18.52 23.78 17.62
C ARG A 229 19.38 24.15 16.39
N ALA A 230 19.57 23.23 15.45
CA ALA A 230 20.40 23.57 14.27
C ALA A 230 19.72 24.65 13.44
N ARG A 231 18.42 24.50 13.22
CA ARG A 231 17.65 25.49 12.49
C ARG A 231 17.77 26.90 13.11
N GLN A 232 17.55 27.00 14.42
CA GLN A 232 17.64 28.29 15.11
C GLN A 232 18.99 28.94 14.82
N ARG A 233 20.05 28.13 14.86
CA ARG A 233 21.37 28.65 14.65
C ARG A 233 21.62 29.22 13.25
N VAL A 234 21.17 28.53 12.22
CA VAL A 234 21.35 29.04 10.86
C VAL A 234 20.48 30.24 10.65
N GLU A 235 19.28 30.22 11.22
CA GLU A 235 18.40 31.40 11.12
C GLU A 235 19.15 32.62 11.71
N GLN A 236 19.78 32.44 12.87
CA GLN A 236 20.54 33.54 13.51
C GLN A 236 21.71 33.99 12.62
N GLU A 237 22.29 33.06 11.87
CA GLU A 237 23.39 33.38 10.97
C GLU A 237 22.95 34.07 9.71
N GLN A 238 21.84 33.60 9.15
CA GLN A 238 21.28 34.21 7.95
C GLN A 238 20.98 35.68 8.24
N LEU A 239 20.36 35.97 9.38
CA LEU A 239 20.08 37.37 9.79
C LEU A 239 21.39 38.13 9.92
N LEU A 240 22.38 37.49 10.51
CA LEU A 240 23.70 38.13 10.72
C LEU A 240 24.45 38.31 9.35
N ALA A 241 24.22 37.39 8.40
CA ALA A 241 24.85 37.46 7.07
C ALA A 241 24.24 38.54 6.19
N SER A 242 22.92 38.72 6.26
CA SER A 242 22.28 39.92 5.64
C SER A 242 22.34 40.96 6.76
N GLY A 243 21.81 42.13 6.60
CA GLY A 243 21.95 43.07 7.69
C GLY A 243 20.70 43.28 8.48
N SER A 244 19.91 42.22 8.57
CA SER A 244 18.61 42.27 9.20
C SER A 244 18.55 42.94 10.57
N LEU A 245 17.53 43.81 10.74
CA LEU A 245 17.27 44.50 12.02
C LEU A 245 16.21 43.75 12.85
N VAL A 251 6.78 47.25 13.28
CA VAL A 251 7.48 48.08 14.25
C VAL A 251 8.00 49.18 13.31
N GLU A 252 7.07 50.07 12.87
CA GLU A 252 7.36 51.35 12.20
C GLU A 252 8.55 52.18 12.61
N GLU A 253 9.31 52.66 11.63
CA GLU A 253 10.44 53.56 11.87
C GLU A 253 10.33 55.04 11.56
N CYS A 254 9.59 55.33 10.53
CA CYS A 254 9.27 56.69 10.14
C CYS A 254 8.43 57.39 11.17
N ALA A 255 7.40 56.69 11.67
CA ALA A 255 6.55 57.10 12.78
C ALA A 255 6.98 57.67 14.13
N PRO A 256 8.10 57.20 14.68
CA PRO A 256 8.81 57.80 15.81
C PRO A 256 9.01 59.31 15.67
N ASN A 257 8.83 59.83 14.46
CA ASN A 257 8.93 61.26 14.23
C ASN A 257 7.51 61.85 14.29
N THR A 258 6.73 61.36 15.25
CA THR A 258 5.32 61.70 15.40
C THR A 258 5.04 62.73 16.46
N GLY A 259 3.75 62.83 16.81
CA GLY A 259 3.07 63.87 17.56
C GLY A 259 1.78 63.33 16.95
N GLN A 260 1.22 64.08 16.00
CA GLN A 260 -0.05 63.67 15.42
C GLN A 260 0.38 62.41 14.70
N CYS A 261 -0.39 61.33 14.81
CA CYS A 261 0.07 60.06 14.23
C CYS A 261 -0.45 59.71 12.86
N HIS A 262 0.46 59.29 11.99
CA HIS A 262 0.10 58.96 10.65
C HIS A 262 -0.67 57.60 10.59
N LEU A 263 -1.11 57.25 9.41
CA LEU A 263 -1.87 56.01 9.21
C LEU A 263 -1.20 54.68 9.59
N CYS A 264 -2.00 53.63 9.78
CA CYS A 264 -1.57 52.42 10.45
C CYS A 264 -1.48 51.11 9.69
N LEU A 265 -2.05 51.07 8.49
CA LEU A 265 -1.73 50.19 7.37
C LEU A 265 -0.43 50.88 6.98
N PRO A 266 0.71 50.20 7.21
CA PRO A 266 2.10 50.65 7.11
C PRO A 266 2.35 51.70 6.03
N PRO A 267 2.90 52.60 6.76
CA PRO A 267 3.37 53.50 5.70
C PRO A 267 4.08 52.72 4.59
N SER A 268 4.26 53.41 3.46
CA SER A 268 4.58 52.81 2.15
C SER A 268 5.98 52.24 2.10
N GLU A 269 6.28 51.77 1.01
CA GLU A 269 7.20 50.67 1.04
C GLU A 269 6.24 49.62 1.60
N PRO A 270 5.22 49.25 0.85
CA PRO A 270 4.79 49.93 -0.35
C PRO A 270 3.74 50.68 0.33
N TRP A 271 3.20 51.66 -0.34
CA TRP A 271 3.66 52.22 -1.60
C TRP A 271 3.27 51.22 -2.66
N ASP A 272 2.06 50.69 -2.47
CA ASP A 272 1.47 49.71 -3.36
C ASP A 272 0.37 50.06 -4.39
N GLN A 273 -0.40 51.11 -4.09
CA GLN A 273 -1.76 51.60 -4.33
C GLN A 273 -1.34 53.00 -4.79
N THR A 274 -2.31 53.84 -5.13
CA THR A 274 -2.16 55.07 -5.92
C THR A 274 -1.32 56.10 -5.14
N LEU A 275 -1.00 55.75 -3.89
CA LEU A 275 -0.23 56.62 -2.97
C LEU A 275 1.21 56.86 -3.39
N GLY A 276 1.82 57.90 -2.80
CA GLY A 276 3.18 58.30 -3.13
C GLY A 276 3.22 59.06 -4.44
N VAL A 277 4.21 59.91 -4.62
CA VAL A 277 5.21 60.13 -3.62
C VAL A 277 5.28 61.33 -2.65
N VAL A 278 4.52 62.35 -2.96
CA VAL A 278 4.02 63.42 -2.10
C VAL A 278 5.18 64.26 -1.54
N ASN A 279 6.19 64.49 -2.37
CA ASN A 279 7.36 65.27 -1.97
C ASN A 279 6.94 66.49 -1.16
N SER B 4 -30.11 -19.25 -3.96
CA SER B 4 -30.23 -20.37 -4.93
C SER B 4 -29.09 -21.38 -4.75
N SER B 5 -28.15 -21.02 -3.87
CA SER B 5 -27.07 -21.92 -3.38
C SER B 5 -25.96 -22.39 -4.31
N TYR B 6 -26.31 -22.79 -5.50
CA TYR B 6 -25.37 -23.29 -6.46
C TYR B 6 -24.72 -22.10 -7.17
N HIS B 7 -25.42 -20.97 -7.16
CA HIS B 7 -24.93 -19.77 -7.84
C HIS B 7 -24.19 -18.82 -6.88
N LEU B 8 -23.92 -19.31 -5.67
CA LEU B 8 -23.29 -18.50 -4.65
C LEU B 8 -22.03 -19.15 -4.11
N PHE B 9 -21.37 -18.43 -3.21
CA PHE B 9 -20.19 -18.94 -2.49
C PHE B 9 -20.59 -19.13 -1.04
N ARG B 10 -21.01 -20.33 -0.70
CA ARG B 10 -21.50 -20.61 0.65
C ARG B 10 -20.40 -20.99 1.62
N ASP B 11 -19.29 -21.54 1.11
CA ASP B 11 -18.22 -21.90 2.03
C ASP B 11 -17.03 -21.00 2.02
N VAL B 12 -16.78 -20.41 3.17
CA VAL B 12 -15.68 -19.51 3.39
C VAL B 12 -14.43 -20.10 2.79
N ALA B 13 -14.23 -21.38 2.99
CA ALA B 13 -13.06 -22.05 2.50
C ALA B 13 -12.90 -21.80 1.01
N GLU B 14 -13.99 -21.89 0.25
CA GLU B 14 -13.92 -21.67 -1.18
C GLU B 14 -13.65 -20.19 -1.54
N VAL B 15 -14.20 -19.28 -0.75
CA VAL B 15 -13.98 -17.86 -0.93
C VAL B 15 -12.49 -17.59 -0.73
N THR B 16 -11.92 -18.22 0.29
CA THR B 16 -10.50 -18.08 0.60
C THR B 16 -9.61 -18.63 -0.53
N ALA B 17 -9.97 -19.79 -1.07
CA ALA B 17 -9.21 -20.40 -2.14
C ALA B 17 -9.31 -19.53 -3.42
N PHE B 18 -10.46 -18.91 -3.63
CA PHE B 18 -10.66 -18.09 -4.82
C PHE B 18 -9.78 -16.85 -4.74
N ARG B 19 -9.82 -16.17 -3.60
CA ARG B 19 -8.95 -15.02 -3.35
C ARG B 19 -7.50 -15.37 -3.57
N GLY B 20 -7.02 -16.39 -2.85
CA GLY B 20 -5.61 -16.81 -2.90
C GLY B 20 -5.13 -17.17 -4.28
N SER B 21 -5.94 -17.93 -5.00
CA SER B 21 -5.62 -18.34 -6.38
C SER B 21 -5.54 -17.17 -7.37
N LEU B 22 -6.53 -16.28 -7.30
CA LEU B 22 -6.61 -15.16 -8.23
C LEU B 22 -5.40 -14.21 -8.00
N LEU B 23 -5.15 -13.86 -6.73
CA LEU B 23 -4.08 -12.96 -6.37
C LEU B 23 -2.67 -13.45 -6.69
N SER B 24 -2.36 -14.70 -6.38
CA SER B 24 -1.04 -15.22 -6.69
C SER B 24 -0.88 -15.25 -8.21
N TRP B 25 -1.93 -15.62 -8.91
CA TRP B 25 -1.88 -15.58 -10.35
C TRP B 25 -1.57 -14.13 -10.79
N TYR B 26 -2.38 -13.19 -10.37
CA TYR B 26 -2.19 -11.78 -10.73
C TYR B 26 -0.76 -11.27 -10.44
N ASP B 27 -0.21 -11.65 -9.29
CA ASP B 27 1.13 -11.22 -8.92
C ASP B 27 2.17 -11.71 -9.95
N GLN B 28 1.91 -12.86 -10.60
CA GLN B 28 2.87 -13.36 -11.59
C GLN B 28 2.57 -13.04 -13.04
N GLU B 29 1.31 -12.74 -13.36
CA GLU B 29 0.93 -12.58 -14.75
C GLU B 29 0.47 -11.23 -15.23
N LYS B 30 0.13 -10.33 -14.31
CA LYS B 30 -0.44 -9.03 -14.69
C LYS B 30 0.38 -8.28 -15.72
N ARG B 31 -0.31 -7.62 -16.67
CA ARG B 31 0.39 -6.80 -17.65
C ARG B 31 0.92 -5.56 -16.96
N ASP B 32 1.98 -4.97 -17.53
CA ASP B 32 2.54 -3.75 -17.01
C ASP B 32 1.82 -2.59 -17.69
N LEU B 33 1.04 -1.84 -16.92
CA LEU B 33 0.28 -0.70 -17.42
C LEU B 33 0.71 0.50 -16.62
N PRO B 34 0.88 1.67 -17.27
CA PRO B 34 1.37 2.87 -16.60
C PRO B 34 0.53 3.26 -15.40
N TRP B 35 -0.78 3.13 -15.52
CA TRP B 35 -1.61 3.50 -14.40
C TRP B 35 -1.40 2.53 -13.24
N ARG B 36 -1.03 1.29 -13.56
CA ARG B 36 -0.75 0.32 -12.50
C ARG B 36 0.58 0.58 -11.88
N ARG B 37 1.59 0.87 -12.69
CA ARG B 37 2.89 1.18 -12.15
C ARG B 37 2.68 2.31 -11.19
N ARG B 38 2.11 3.39 -11.71
CA ARG B 38 1.88 4.59 -10.94
C ARG B 38 1.04 4.42 -9.65
N ALA B 39 -0.06 3.71 -9.72
CA ALA B 39 -0.88 3.56 -8.51
C ALA B 39 -0.12 2.90 -7.34
N GLU B 40 0.66 1.87 -7.66
CA GLU B 40 1.37 1.15 -6.64
C GLU B 40 2.61 1.85 -6.13
N ASP B 41 3.20 2.74 -6.96
CA ASP B 41 4.42 3.48 -6.57
C ASP B 41 4.14 4.78 -5.81
N GLU B 42 3.00 5.39 -6.10
CA GLU B 42 2.67 6.64 -5.46
C GLU B 42 2.35 6.43 -3.98
N MET B 43 3.07 7.14 -3.13
CA MET B 43 2.95 7.03 -1.70
C MET B 43 1.96 8.01 -1.11
N ASP B 44 1.72 9.10 -1.82
CA ASP B 44 0.76 10.07 -1.40
C ASP B 44 -0.68 9.64 -1.84
N LEU B 45 -1.62 9.54 -0.89
CA LEU B 45 -3.00 9.10 -1.17
C LEU B 45 -3.78 9.98 -2.18
N ASP B 46 -3.67 11.27 -2.05
CA ASP B 46 -4.31 12.17 -2.99
C ASP B 46 -3.81 12.04 -4.42
N ARG B 47 -2.51 11.86 -4.58
CA ARG B 47 -1.89 11.65 -5.91
C ARG B 47 -2.22 10.26 -6.43
N ARG B 48 -2.30 9.28 -5.52
CA ARG B 48 -2.58 7.95 -5.96
C ARG B 48 -3.99 7.87 -6.45
N ALA B 49 -4.91 8.44 -5.68
CA ALA B 49 -6.31 8.43 -6.03
C ALA B 49 -6.58 9.21 -7.36
N TYR B 50 -5.95 10.33 -7.53
CA TYR B 50 -6.12 11.06 -8.76
C TYR B 50 -5.59 10.22 -9.92
N ALA B 51 -4.48 9.52 -9.70
CA ALA B 51 -3.88 8.69 -10.75
C ALA B 51 -4.86 7.56 -11.19
N VAL B 52 -5.50 6.91 -10.23
CA VAL B 52 -6.48 5.88 -10.56
C VAL B 52 -7.68 6.51 -11.28
N TRP B 53 -8.16 7.62 -10.74
CA TRP B 53 -9.34 8.26 -11.29
C TRP B 53 -9.13 8.62 -12.76
N VAL B 54 -8.02 9.24 -13.10
CA VAL B 54 -7.81 9.57 -14.48
C VAL B 54 -7.87 8.32 -15.36
N SER B 55 -7.15 7.28 -14.98
CA SER B 55 -7.13 6.05 -15.79
C SER B 55 -8.54 5.47 -15.96
N GLU B 56 -9.31 5.41 -14.86
CA GLU B 56 -10.66 4.84 -14.92
C GLU B 56 -11.56 5.61 -15.87
N VAL B 57 -11.46 6.93 -15.86
CA VAL B 57 -12.28 7.71 -16.79
C VAL B 57 -11.80 7.51 -18.24
N MET B 58 -10.51 7.39 -18.45
CA MET B 58 -10.02 7.15 -19.80
C MET B 58 -10.39 5.78 -20.31
N LEU B 59 -10.31 4.79 -19.44
CA LEU B 59 -10.57 3.42 -19.81
C LEU B 59 -12.07 3.10 -20.01
N GLN B 60 -12.94 3.95 -19.53
CA GLN B 60 -14.34 3.63 -19.61
C GLN B 60 -14.91 3.67 -21.03
N GLN B 61 -14.35 4.51 -21.90
CA GLN B 61 -14.90 4.59 -23.22
C GLN B 61 -13.97 4.05 -24.30
N THR B 62 -12.77 3.63 -23.91
CA THR B 62 -11.78 3.22 -24.87
C THR B 62 -10.90 2.02 -24.49
N GLN B 63 -10.34 1.37 -25.52
CA GLN B 63 -9.51 0.18 -25.33
C GLN B 63 -8.12 0.46 -24.69
N VAL B 64 -7.67 -0.45 -23.83
CA VAL B 64 -6.38 -0.33 -23.16
C VAL B 64 -5.27 0.12 -24.10
N ALA B 65 -5.10 -0.56 -25.22
CA ALA B 65 -4.01 -0.20 -26.13
C ALA B 65 -3.90 1.31 -26.44
N THR B 66 -5.04 1.99 -26.58
CA THR B 66 -4.96 3.39 -26.97
C THR B 66 -4.81 4.33 -25.75
N VAL B 67 -5.25 3.87 -24.58
CA VAL B 67 -5.14 4.67 -23.37
C VAL B 67 -3.67 4.77 -22.94
N ILE B 68 -2.86 3.75 -23.27
CA ILE B 68 -1.45 3.79 -22.93
C ILE B 68 -0.86 5.11 -23.38
N ASN B 69 -1.05 5.43 -24.65
CA ASN B 69 -0.55 6.68 -25.24
C ASN B 69 -0.94 7.93 -24.49
N TYR B 70 -2.23 8.08 -24.21
CA TYR B 70 -2.73 9.29 -23.56
C TYR B 70 -2.48 9.43 -22.06
N TYR B 71 -2.59 8.34 -21.31
CA TYR B 71 -2.47 8.39 -19.85
C TYR B 71 -1.16 9.07 -19.44
N THR B 72 -0.08 8.57 -20.00
CA THR B 72 1.25 9.07 -19.73
C THR B 72 1.38 10.57 -19.97
N GLY B 73 1.08 11.02 -21.20
CA GLY B 73 1.15 12.47 -21.52
C GLY B 73 0.30 13.31 -20.61
N TRP B 74 -0.87 12.81 -20.24
CA TRP B 74 -1.74 13.53 -19.38
C TRP B 74 -1.13 13.66 -17.99
N MET B 75 -0.80 12.52 -17.37
CA MET B 75 -0.16 12.54 -16.03
C MET B 75 1.16 13.37 -16.02
N GLN B 76 1.88 13.39 -17.13
CA GLN B 76 3.12 14.20 -17.20
C GLN B 76 2.79 15.68 -17.13
N LYS B 77 1.76 16.11 -17.83
CA LYS B 77 1.39 17.52 -17.87
C LYS B 77 0.59 17.97 -16.59
N TRP B 78 -0.25 17.11 -16.05
CA TRP B 78 -1.00 17.44 -14.84
C TRP B 78 -0.85 16.27 -13.85
N PRO B 79 0.25 16.26 -13.10
CA PRO B 79 0.49 15.14 -12.20
C PRO B 79 -0.36 15.12 -10.96
N THR B 80 -1.02 16.25 -10.63
CA THR B 80 -1.89 16.33 -9.42
C THR B 80 -3.25 16.96 -9.71
N LEU B 81 -4.21 16.81 -8.78
CA LEU B 81 -5.52 17.47 -8.86
C LEU B 81 -5.33 18.97 -9.07
N GLN B 82 -4.54 19.57 -8.22
CA GLN B 82 -4.22 20.97 -8.30
C GLN B 82 -3.83 21.41 -9.75
N ASP B 83 -2.95 20.68 -10.41
CA ASP B 83 -2.54 21.07 -11.78
C ASP B 83 -3.72 20.98 -12.72
N LEU B 84 -4.47 19.88 -12.65
CA LEU B 84 -5.66 19.75 -13.49
C LEU B 84 -6.70 20.85 -13.16
N ALA B 85 -6.93 21.10 -11.88
CA ALA B 85 -7.87 22.16 -11.46
C ALA B 85 -7.60 23.49 -12.16
N SER B 86 -6.32 23.82 -12.38
CA SER B 86 -6.04 25.09 -13.03
C SER B 86 -5.71 25.04 -14.48
N ALA B 87 -6.06 23.95 -15.13
CA ALA B 87 -5.84 23.86 -16.56
C ALA B 87 -7.03 24.55 -17.18
N SER B 88 -6.91 25.02 -18.42
CA SER B 88 -8.05 25.61 -19.09
C SER B 88 -8.85 24.51 -19.77
N LEU B 89 -10.11 24.81 -20.10
CA LEU B 89 -10.96 23.87 -20.82
C LEU B 89 -10.28 23.50 -22.13
N GLU B 90 -9.69 24.50 -22.77
CA GLU B 90 -9.04 24.29 -24.06
C GLU B 90 -7.95 23.25 -23.92
N GLU B 91 -7.05 23.44 -22.98
CA GLU B 91 -5.98 22.49 -22.77
C GLU B 91 -6.52 21.09 -22.56
N VAL B 92 -7.57 20.94 -21.74
CA VAL B 92 -8.13 19.64 -21.50
C VAL B 92 -8.64 18.97 -22.79
N ASN B 93 -9.21 19.76 -23.70
CA ASN B 93 -9.70 19.18 -24.96
C ASN B 93 -8.56 18.69 -25.85
N GLN B 94 -7.42 19.38 -25.81
CA GLN B 94 -6.26 18.98 -26.63
C GLN B 94 -5.64 17.69 -26.15
N LEU B 95 -5.60 17.49 -24.85
CA LEU B 95 -5.03 16.26 -24.32
C LEU B 95 -6.07 15.15 -24.37
N TRP B 96 -7.34 15.53 -24.48
CA TRP B 96 -8.39 14.55 -24.52
C TRP B 96 -8.75 14.10 -25.92
N ALA B 97 -8.44 14.95 -26.91
CA ALA B 97 -8.77 14.64 -28.30
C ALA B 97 -8.31 13.26 -28.70
N GLY B 98 -9.27 12.41 -29.06
CA GLY B 98 -8.95 11.06 -29.44
C GLY B 98 -9.51 10.03 -28.48
N LEU B 99 -9.78 10.43 -27.23
CA LEU B 99 -10.38 9.48 -26.29
C LEU B 99 -11.83 9.22 -26.61
N GLY B 100 -12.47 10.16 -27.28
CA GLY B 100 -13.84 9.91 -27.70
C GLY B 100 -15.05 10.75 -27.30
N TYR B 101 -15.30 10.90 -26.02
CA TYR B 101 -16.44 11.69 -25.52
C TYR B 101 -15.96 12.83 -24.66
N TYR B 102 -15.64 13.95 -25.29
CA TYR B 102 -15.09 15.12 -24.60
C TYR B 102 -15.72 15.41 -23.23
N SER B 103 -16.99 15.07 -23.07
CA SER B 103 -17.66 15.40 -21.84
C SER B 103 -17.08 14.70 -20.59
N ARG B 104 -16.71 13.43 -20.70
CA ARG B 104 -16.09 12.76 -19.54
C ARG B 104 -14.76 13.44 -19.14
N GLY B 105 -14.13 14.08 -20.09
CA GLY B 105 -12.89 14.76 -19.83
C GLY B 105 -13.12 16.06 -19.13
N ARG B 106 -14.12 16.80 -19.58
CA ARG B 106 -14.44 18.09 -18.95
C ARG B 106 -14.91 17.80 -17.52
N ARG B 107 -15.70 16.77 -17.39
CA ARG B 107 -16.23 16.39 -16.13
C ARG B 107 -15.14 15.90 -15.12
N LEU B 108 -14.08 15.31 -15.64
CA LEU B 108 -12.95 14.92 -14.82
C LEU B 108 -12.34 16.18 -14.21
N GLN B 109 -12.15 17.20 -15.03
CA GLN B 109 -11.55 18.46 -14.60
C GLN B 109 -12.39 19.21 -13.59
N GLU B 110 -13.67 19.31 -13.85
CA GLU B 110 -14.52 20.01 -12.91
C GLU B 110 -14.55 19.19 -11.61
N GLY B 111 -14.37 17.88 -11.73
CA GLY B 111 -14.35 17.07 -10.53
C GLY B 111 -13.09 17.45 -9.75
N ALA B 112 -11.97 17.58 -10.47
CA ALA B 112 -10.73 17.94 -9.83
C ALA B 112 -10.84 19.32 -9.20
N ARG B 113 -11.54 20.22 -9.86
CA ARG B 113 -11.63 21.55 -9.34
C ARG B 113 -12.44 21.51 -8.06
N LYS B 114 -13.51 20.76 -8.08
CA LYS B 114 -14.34 20.65 -6.89
C LYS B 114 -13.57 20.13 -5.66
N VAL B 115 -12.79 19.07 -5.84
CA VAL B 115 -11.99 18.55 -4.72
C VAL B 115 -10.96 19.57 -4.21
N VAL B 116 -10.38 20.36 -5.11
CA VAL B 116 -9.39 21.37 -4.71
C VAL B 116 -10.04 22.61 -4.05
N GLU B 117 -11.09 23.14 -4.67
CA GLU B 117 -11.74 24.35 -4.19
C GLU B 117 -12.80 24.12 -3.11
N GLU B 118 -13.35 22.94 -3.02
CA GLU B 118 -14.44 22.79 -2.08
C GLU B 118 -14.08 21.86 -0.92
N LEU B 119 -13.09 21.03 -1.16
CA LEU B 119 -12.73 19.98 -0.22
C LEU B 119 -11.25 20.05 0.22
N GLY B 120 -10.59 21.14 -0.08
CA GLY B 120 -9.26 21.34 0.40
C GLY B 120 -8.22 20.46 -0.23
N GLY B 121 -8.56 19.79 -1.32
CA GLY B 121 -7.56 18.96 -2.02
C GLY B 121 -7.53 17.55 -1.50
N HIS B 122 -8.38 17.26 -0.52
CA HIS B 122 -8.47 15.93 0.07
C HIS B 122 -9.54 15.12 -0.74
N MET B 123 -9.13 14.03 -1.39
CA MET B 123 -10.07 13.18 -2.15
C MET B 123 -10.98 12.48 -1.17
N PRO B 124 -12.29 12.47 -1.43
CA PRO B 124 -13.19 11.73 -0.50
C PRO B 124 -12.63 10.31 -0.32
N ARG B 125 -12.65 9.80 0.91
CA ARG B 125 -12.00 8.54 1.25
C ARG B 125 -12.81 7.20 1.09
N THR B 126 -14.09 7.29 0.81
CA THR B 126 -14.85 6.06 0.67
C THR B 126 -15.61 6.05 -0.62
N ALA B 127 -15.91 4.84 -1.06
CA ALA B 127 -16.69 4.63 -2.24
C ALA B 127 -17.94 5.45 -2.22
N GLU B 128 -18.74 5.32 -1.17
CA GLU B 128 -20.01 6.05 -1.15
C GLU B 128 -19.82 7.57 -1.25
N THR B 129 -18.80 8.06 -0.55
CA THR B 129 -18.48 9.48 -0.54
C THR B 129 -18.01 9.94 -1.92
N LEU B 130 -17.12 9.15 -2.53
CA LEU B 130 -16.60 9.47 -3.85
C LEU B 130 -17.71 9.48 -4.89
N GLN B 131 -18.76 8.70 -4.64
CA GLN B 131 -19.89 8.62 -5.56
C GLN B 131 -20.89 9.74 -5.29
N GLN B 132 -21.01 10.14 -4.03
CA GLN B 132 -21.92 11.19 -3.65
C GLN B 132 -21.42 12.60 -4.07
N LEU B 133 -20.10 12.82 -4.02
CA LEU B 133 -19.58 14.17 -4.24
C LEU B 133 -18.98 14.50 -5.61
N LEU B 134 -18.39 13.51 -6.27
CA LEU B 134 -17.69 13.72 -7.54
C LEU B 134 -18.59 13.48 -8.75
N PRO B 135 -18.69 14.49 -9.63
CA PRO B 135 -19.58 14.43 -10.81
C PRO B 135 -19.13 13.40 -11.83
N GLY B 136 -20.08 12.63 -12.35
CA GLY B 136 -19.73 11.57 -13.31
C GLY B 136 -18.99 10.37 -12.74
N VAL B 137 -18.87 10.30 -11.42
CA VAL B 137 -18.24 9.11 -10.81
C VAL B 137 -19.31 8.12 -10.37
N GLY B 138 -19.57 7.10 -11.17
CA GLY B 138 -20.62 6.10 -10.83
C GLY B 138 -20.16 5.06 -9.80
N ARG B 139 -20.97 4.02 -9.60
CA ARG B 139 -20.63 3.00 -8.64
C ARG B 139 -19.29 2.35 -8.96
N TYR B 140 -19.08 2.07 -10.21
CA TYR B 140 -17.86 1.44 -10.61
C TYR B 140 -16.62 2.27 -10.33
N THR B 141 -16.56 3.46 -10.88
CA THR B 141 -15.37 4.32 -10.69
C THR B 141 -15.14 4.59 -9.19
N ALA B 142 -16.19 4.88 -8.44
CA ALA B 142 -15.98 5.12 -7.02
C ALA B 142 -15.29 3.93 -6.40
N GLY B 143 -15.80 2.75 -6.71
CA GLY B 143 -15.26 1.48 -6.14
C GLY B 143 -13.85 1.18 -6.62
N ALA B 144 -13.53 1.54 -7.87
CA ALA B 144 -12.16 1.29 -8.36
C ALA B 144 -11.20 2.19 -7.56
N ILE B 145 -11.60 3.46 -7.36
CA ILE B 145 -10.76 4.42 -6.64
C ILE B 145 -10.58 4.08 -5.17
N ALA B 146 -11.67 3.75 -4.51
CA ALA B 146 -11.67 3.45 -3.07
C ALA B 146 -10.83 2.20 -2.77
N SER B 147 -10.97 1.18 -3.61
CA SER B 147 -10.26 -0.07 -3.37
C SER B 147 -8.83 0.05 -3.81
N ILE B 148 -8.62 0.49 -5.05
CA ILE B 148 -7.28 0.62 -5.60
C ILE B 148 -6.43 1.63 -4.84
N ALA B 149 -6.99 2.82 -4.59
CA ALA B 149 -6.27 3.88 -3.91
C ALA B 149 -6.29 3.82 -2.40
N PHE B 150 -7.46 3.55 -1.80
CA PHE B 150 -7.54 3.64 -0.35
C PHE B 150 -7.54 2.36 0.43
N GLY B 151 -7.62 1.24 -0.26
CA GLY B 151 -7.63 -0.04 0.43
C GLY B 151 -9.01 -0.38 1.00
N GLN B 152 -10.06 0.34 0.58
CA GLN B 152 -11.40 0.02 1.08
C GLN B 152 -11.87 -1.32 0.46
N ALA B 153 -12.50 -2.16 1.28
CA ALA B 153 -12.90 -3.48 0.82
C ALA B 153 -14.22 -3.44 0.03
N THR B 154 -14.17 -2.85 -1.14
CA THR B 154 -15.36 -2.76 -1.93
C THR B 154 -15.17 -3.39 -3.31
N GLY B 155 -15.99 -4.36 -3.62
CA GLY B 155 -15.88 -5.05 -4.90
C GLY B 155 -16.48 -4.29 -6.08
N VAL B 156 -16.01 -4.61 -7.27
CA VAL B 156 -16.41 -3.90 -8.43
C VAL B 156 -16.71 -4.84 -9.62
N VAL B 157 -17.75 -4.54 -10.38
CA VAL B 157 -18.07 -5.35 -11.53
C VAL B 157 -18.13 -4.54 -12.78
N ASP B 158 -17.30 -4.87 -13.76
CA ASP B 158 -17.40 -4.25 -15.08
C ASP B 158 -17.73 -5.40 -16.04
N GLY B 159 -17.59 -5.15 -17.34
CA GLY B 159 -17.90 -6.14 -18.34
C GLY B 159 -17.06 -7.38 -18.11
N ASN B 160 -15.78 -7.19 -17.81
CA ASN B 160 -14.86 -8.29 -17.61
C ASN B 160 -15.16 -9.14 -16.38
N VAL B 161 -15.46 -8.49 -15.27
CA VAL B 161 -15.74 -9.18 -14.03
C VAL B 161 -17.10 -9.91 -14.17
N ALA B 162 -18.00 -9.33 -14.95
CA ALA B 162 -19.31 -9.93 -15.16
C ALA B 162 -19.17 -11.26 -15.89
N ARG B 163 -18.34 -11.29 -16.95
CA ARG B 163 -18.11 -12.51 -17.71
C ARG B 163 -17.53 -13.63 -16.81
N VAL B 164 -16.47 -13.30 -16.08
CA VAL B 164 -15.86 -14.22 -15.14
C VAL B 164 -16.88 -14.76 -14.12
N LEU B 165 -17.55 -13.86 -13.41
CA LEU B 165 -18.51 -14.26 -12.37
C LEU B 165 -19.66 -15.07 -12.93
N CYS B 166 -20.11 -14.71 -14.12
CA CYS B 166 -21.23 -15.42 -14.69
C CYS B 166 -20.89 -16.85 -14.99
N ARG B 167 -19.63 -17.10 -15.30
CA ARG B 167 -19.16 -18.47 -15.60
C ARG B 167 -18.81 -19.20 -14.31
N VAL B 168 -18.07 -18.54 -13.44
CA VAL B 168 -17.67 -19.13 -12.18
C VAL B 168 -18.89 -19.59 -11.35
N ARG B 169 -20.04 -18.95 -11.53
CA ARG B 169 -21.27 -19.33 -10.81
C ARG B 169 -22.41 -19.69 -11.77
N ALA B 170 -22.06 -19.96 -13.03
CA ALA B 170 -23.05 -20.42 -14.02
C ALA B 170 -24.31 -19.60 -13.95
N ILE B 171 -24.19 -18.30 -14.22
CA ILE B 171 -25.35 -17.42 -14.24
C ILE B 171 -25.70 -17.19 -15.70
N GLY B 172 -26.87 -17.67 -16.12
CA GLY B 172 -27.24 -17.55 -17.52
C GLY B 172 -28.37 -16.59 -17.79
N ALA B 173 -28.94 -16.01 -16.73
CA ALA B 173 -30.03 -15.05 -16.88
C ALA B 173 -29.46 -13.74 -17.47
N ASP B 174 -30.31 -12.99 -18.16
CA ASP B 174 -29.90 -11.72 -18.77
C ASP B 174 -29.22 -10.82 -17.73
N PRO B 175 -27.94 -10.49 -17.97
CA PRO B 175 -27.07 -9.71 -17.08
C PRO B 175 -27.53 -8.26 -16.87
N SER B 176 -28.24 -7.70 -17.83
CA SER B 176 -28.70 -6.34 -17.74
C SER B 176 -29.94 -6.30 -16.88
N SER B 177 -30.37 -7.46 -16.44
CA SER B 177 -31.47 -7.57 -15.54
C SER B 177 -31.06 -6.90 -14.26
N THR B 178 -32.04 -6.51 -13.47
CA THR B 178 -31.78 -5.90 -12.17
C THR B 178 -31.39 -6.93 -11.13
N LEU B 179 -32.13 -8.02 -11.09
CA LEU B 179 -31.81 -9.09 -10.19
C LEU B 179 -30.40 -9.61 -10.45
N VAL B 180 -30.02 -9.71 -11.72
CA VAL B 180 -28.72 -10.26 -12.04
C VAL B 180 -27.55 -9.32 -11.73
N SER B 181 -27.68 -8.05 -12.12
CA SER B 181 -26.66 -7.08 -11.80
C SER B 181 -26.44 -7.09 -10.32
N GLN B 182 -27.51 -6.94 -9.56
CA GLN B 182 -27.37 -6.93 -8.15
C GLN B 182 -26.74 -8.22 -7.59
N GLN B 183 -27.02 -9.36 -8.23
CA GLN B 183 -26.37 -10.61 -7.81
C GLN B 183 -24.89 -10.58 -8.02
N LEU B 184 -24.45 -10.04 -9.17
CA LEU B 184 -23.03 -9.98 -9.49
C LEU B 184 -22.31 -9.04 -8.57
N TRP B 185 -22.93 -7.90 -8.30
CA TRP B 185 -22.35 -6.95 -7.36
C TRP B 185 -22.28 -7.57 -5.96
N GLY B 186 -23.27 -8.40 -5.63
CA GLY B 186 -23.27 -9.09 -4.35
C GLY B 186 -22.06 -10.02 -4.28
N LEU B 187 -21.89 -10.84 -5.32
CA LEU B 187 -20.79 -11.78 -5.40
C LEU B 187 -19.45 -11.09 -5.33
N ALA B 188 -19.31 -9.99 -6.06
CA ALA B 188 -18.05 -9.24 -6.06
C ALA B 188 -17.72 -8.72 -4.65
N GLN B 189 -18.76 -8.24 -3.96
CA GLN B 189 -18.58 -7.68 -2.61
C GLN B 189 -18.16 -8.76 -1.65
N GLN B 190 -18.74 -9.95 -1.79
CA GLN B 190 -18.38 -11.08 -0.97
C GLN B 190 -16.94 -11.57 -1.28
N LEU B 191 -16.59 -11.70 -2.54
CA LEU B 191 -15.26 -12.21 -2.91
C LEU B 191 -14.11 -11.25 -2.68
N VAL B 192 -14.36 -9.95 -2.71
CA VAL B 192 -13.24 -9.02 -2.66
C VAL B 192 -12.37 -9.22 -1.44
N ASP B 193 -11.07 -9.40 -1.68
CA ASP B 193 -10.13 -9.66 -0.62
C ASP B 193 -10.00 -8.46 0.34
N PRO B 194 -10.26 -8.69 1.63
CA PRO B 194 -10.26 -7.66 2.67
C PRO B 194 -8.89 -7.05 2.83
N ALA B 195 -7.84 -7.83 2.59
CA ALA B 195 -6.48 -7.32 2.77
C ALA B 195 -5.95 -6.61 1.53
N ARG B 196 -6.36 -7.09 0.34
CA ARG B 196 -5.87 -6.51 -0.94
C ARG B 196 -7.02 -6.30 -1.94
N PRO B 197 -8.01 -5.52 -1.55
CA PRO B 197 -9.18 -5.28 -2.36
C PRO B 197 -8.85 -4.71 -3.74
N GLY B 198 -7.90 -3.80 -3.79
CA GLY B 198 -7.53 -3.15 -5.06
C GLY B 198 -6.93 -4.14 -6.05
N ASP B 199 -5.97 -4.92 -5.58
CA ASP B 199 -5.37 -5.91 -6.44
C ASP B 199 -6.39 -6.98 -6.80
N PHE B 200 -7.27 -7.29 -5.88
CA PHE B 200 -8.28 -8.27 -6.17
C PHE B 200 -9.15 -7.77 -7.34
N ASN B 201 -9.59 -6.53 -7.27
CA ASN B 201 -10.43 -5.97 -8.33
C ASN B 201 -9.69 -5.97 -9.66
N GLN B 202 -8.43 -5.59 -9.64
CA GLN B 202 -7.65 -5.54 -10.87
C GLN B 202 -7.34 -6.90 -11.42
N ALA B 203 -7.21 -7.86 -10.52
CA ALA B 203 -6.94 -9.22 -10.91
C ALA B 203 -8.17 -9.82 -11.57
N ALA B 204 -9.34 -9.50 -11.03
CA ALA B 204 -10.56 -10.04 -11.61
C ALA B 204 -10.79 -9.43 -12.99
N MET B 205 -10.50 -8.14 -13.15
CA MET B 205 -10.67 -7.52 -14.48
C MET B 205 -9.61 -8.10 -15.40
N GLU B 206 -8.43 -8.32 -14.87
CA GLU B 206 -7.31 -8.83 -15.68
C GLU B 206 -7.59 -10.27 -16.21
N LEU B 207 -8.26 -11.08 -15.39
CA LEU B 207 -8.57 -12.47 -15.78
C LEU B 207 -9.56 -12.34 -16.95
N GLY B 208 -10.62 -11.56 -16.73
CA GLY B 208 -11.60 -11.32 -17.74
C GLY B 208 -11.07 -10.76 -19.05
N ALA B 209 -9.98 -10.00 -18.99
CA ALA B 209 -9.46 -9.36 -20.18
C ALA B 209 -8.42 -10.22 -20.89
N THR B 210 -7.76 -11.11 -20.14
CA THR B 210 -6.65 -11.89 -20.65
C THR B 210 -6.90 -13.40 -20.74
N VAL B 211 -7.71 -13.93 -19.87
CA VAL B 211 -7.90 -15.36 -19.85
C VAL B 211 -9.31 -15.79 -20.12
N CYS B 212 -10.23 -15.30 -19.32
CA CYS B 212 -11.61 -15.63 -19.45
C CYS B 212 -12.24 -14.66 -20.44
N THR B 213 -11.87 -14.81 -21.71
CA THR B 213 -12.25 -13.88 -22.78
C THR B 213 -13.61 -14.19 -23.34
N PRO B 214 -14.20 -13.25 -24.12
CA PRO B 214 -15.53 -13.52 -24.66
C PRO B 214 -15.56 -14.84 -25.41
N GLN B 215 -14.65 -15.01 -26.37
CA GLN B 215 -14.56 -16.24 -27.13
C GLN B 215 -13.34 -17.05 -26.72
N ARG B 216 -13.41 -18.35 -26.90
CA ARG B 216 -12.29 -19.24 -26.62
C ARG B 216 -11.44 -18.87 -25.42
N PRO B 217 -12.04 -18.84 -24.20
CA PRO B 217 -11.31 -18.52 -22.95
C PRO B 217 -10.19 -19.55 -22.72
N LEU B 218 -9.11 -19.14 -22.06
CA LEU B 218 -7.99 -20.05 -21.82
C LEU B 218 -8.13 -20.81 -20.50
N CYS B 219 -9.17 -21.62 -20.39
CA CYS B 219 -9.48 -22.36 -19.15
C CYS B 219 -8.34 -23.18 -18.58
N SER B 220 -7.55 -23.81 -19.44
CA SER B 220 -6.46 -24.64 -19.00
C SER B 220 -5.31 -23.85 -18.39
N GLN B 221 -5.39 -22.53 -18.47
CA GLN B 221 -4.39 -21.66 -17.88
C GLN B 221 -5.03 -20.83 -16.78
N CYS B 222 -6.31 -21.04 -16.55
CA CYS B 222 -7.07 -20.24 -15.58
C CYS B 222 -6.77 -20.63 -14.15
N PRO B 223 -6.44 -19.63 -13.30
CA PRO B 223 -6.08 -19.93 -11.90
C PRO B 223 -7.29 -20.38 -11.07
N VAL B 224 -8.46 -20.16 -11.61
CA VAL B 224 -9.66 -20.43 -10.87
C VAL B 224 -10.48 -21.64 -11.43
N GLU B 225 -9.91 -22.33 -12.43
CA GLU B 225 -10.57 -23.43 -13.13
C GLU B 225 -11.35 -24.41 -12.26
N SER B 226 -10.77 -24.82 -11.14
CA SER B 226 -11.36 -25.80 -10.22
C SER B 226 -12.59 -25.29 -9.50
N LEU B 227 -12.72 -23.98 -9.41
CA LEU B 227 -13.86 -23.41 -8.71
C LEU B 227 -14.87 -22.89 -9.71
N CYS B 228 -14.61 -23.11 -10.98
CA CYS B 228 -15.47 -22.59 -12.03
C CYS B 228 -16.65 -23.52 -12.36
N ARG B 229 -17.84 -23.08 -11.98
CA ARG B 229 -19.04 -23.88 -12.15
C ARG B 229 -19.34 -24.21 -13.61
N ALA B 230 -19.04 -23.29 -14.51
CA ALA B 230 -19.22 -23.54 -15.97
C ALA B 230 -18.18 -24.55 -16.46
N ARG B 231 -16.94 -24.38 -16.04
CA ARG B 231 -15.86 -25.29 -16.39
C ARG B 231 -16.07 -26.74 -15.90
N GLN B 232 -16.60 -26.91 -14.70
CA GLN B 232 -16.92 -28.27 -14.20
C GLN B 232 -17.98 -28.90 -15.11
N ARG B 233 -19.00 -28.12 -15.44
CA ARG B 233 -20.08 -28.59 -16.26
C ARG B 233 -19.59 -29.17 -17.58
N VAL B 234 -18.70 -28.45 -18.27
CA VAL B 234 -18.22 -28.93 -19.56
C VAL B 234 -17.35 -30.15 -19.37
N GLU B 235 -16.50 -30.14 -18.34
CA GLU B 235 -15.66 -31.31 -18.05
C GLU B 235 -16.56 -32.52 -17.87
N GLN B 236 -17.61 -32.34 -17.08
CA GLN B 236 -18.52 -33.41 -16.84
C GLN B 236 -19.14 -33.86 -18.16
N GLU B 237 -19.42 -32.92 -19.06
CA GLU B 237 -19.98 -33.30 -20.38
C GLU B 237 -18.97 -33.99 -21.27
N GLN B 238 -17.71 -33.54 -21.24
CA GLN B 238 -16.68 -34.15 -22.06
C GLN B 238 -16.52 -35.60 -21.66
N LEU B 239 -16.71 -35.89 -20.37
CA LEU B 239 -16.58 -37.23 -19.87
C LEU B 239 -17.78 -38.12 -20.11
N LEU B 240 -18.93 -37.50 -20.28
CA LEU B 240 -20.12 -38.21 -20.72
C LEU B 240 -20.04 -38.49 -22.26
N ALA B 241 -19.49 -37.53 -23.02
CA ALA B 241 -19.34 -37.61 -24.51
C ALA B 241 -18.38 -38.75 -24.96
N SER B 242 -17.20 -38.81 -24.37
CA SER B 242 -16.30 -39.94 -24.61
C SER B 242 -16.70 -40.71 -23.40
N GLY B 243 -16.89 -41.97 -23.50
CA GLY B 243 -17.47 -42.61 -22.36
C GLY B 243 -16.53 -42.78 -21.20
N SER B 244 -15.75 -41.76 -20.92
CA SER B 244 -14.75 -41.90 -19.87
C SER B 244 -15.24 -42.56 -18.60
N LEU B 245 -14.47 -43.55 -18.18
CA LEU B 245 -14.78 -44.23 -16.98
C LEU B 245 -14.32 -43.35 -15.83
N SER B 246 -13.51 -42.34 -16.15
CA SER B 246 -13.01 -41.38 -15.14
C SER B 246 -14.14 -40.78 -14.35
N VAL B 251 -7.50 -46.74 -9.91
CA VAL B 251 -8.04 -47.41 -8.72
C VAL B 251 -8.17 -48.94 -8.88
N GLU B 252 -7.20 -49.58 -9.53
CA GLU B 252 -7.21 -51.07 -9.69
C GLU B 252 -8.38 -51.68 -10.46
N GLU B 253 -9.10 -52.61 -9.83
CA GLU B 253 -10.30 -53.20 -10.43
C GLU B 253 -10.19 -54.45 -11.31
N CYS B 254 -9.08 -55.15 -11.21
CA CYS B 254 -8.81 -56.52 -11.57
C CYS B 254 -8.51 -57.06 -10.25
N ALA B 255 -7.77 -56.24 -9.50
CA ALA B 255 -7.24 -56.59 -8.23
C ALA B 255 -8.11 -57.05 -7.07
N PRO B 256 -9.34 -56.50 -6.94
CA PRO B 256 -10.38 -56.99 -6.02
C PRO B 256 -10.83 -58.41 -6.28
N ASN B 257 -10.14 -59.12 -7.18
CA ASN B 257 -10.27 -60.56 -7.31
C ASN B 257 -9.17 -61.17 -6.43
N THR B 258 -9.27 -60.84 -5.14
CA THR B 258 -8.18 -60.84 -4.19
C THR B 258 -8.39 -61.77 -3.02
N GLY B 259 -7.65 -61.48 -1.94
CA GLY B 259 -7.66 -62.29 -0.74
C GLY B 259 -6.23 -62.43 -0.32
N GLN B 260 -5.38 -62.57 -1.32
CA GLN B 260 -3.99 -62.21 -1.35
C GLN B 260 -4.09 -61.12 -2.41
N CYS B 261 -2.97 -60.60 -2.89
CA CYS B 261 -3.04 -59.55 -3.91
C CYS B 261 -1.70 -59.22 -4.58
N HIS B 262 -1.60 -58.04 -5.18
CA HIS B 262 -0.37 -57.64 -5.87
C HIS B 262 -0.20 -56.12 -5.70
N LEU B 263 0.95 -55.58 -6.06
CA LEU B 263 1.22 -54.17 -5.74
C LEU B 263 1.28 -53.17 -6.87
N CYS B 264 2.27 -52.26 -6.77
CA CYS B 264 2.52 -51.15 -7.71
C CYS B 264 3.95 -50.71 -7.65
N LEU B 265 4.69 -50.70 -8.76
CA LEU B 265 4.09 -50.67 -10.09
C LEU B 265 2.80 -51.45 -10.37
N PRO B 266 1.75 -50.74 -10.83
CA PRO B 266 0.37 -51.24 -10.93
C PRO B 266 0.24 -52.35 -11.95
N PRO B 267 -0.69 -53.26 -11.79
CA PRO B 267 -0.73 -54.36 -12.76
C PRO B 267 -0.99 -53.87 -14.18
N SER B 268 -0.91 -54.77 -15.14
CA SER B 268 -1.64 -54.65 -16.39
C SER B 268 -0.81 -53.44 -16.76
N GLU B 269 -1.45 -52.58 -17.54
CA GLU B 269 -1.82 -51.81 -18.69
C GLU B 269 -1.43 -50.34 -18.57
N PRO B 270 -0.28 -50.01 -19.12
CA PRO B 270 0.60 -51.06 -19.66
C PRO B 270 1.49 -51.62 -18.49
N TRP B 271 2.17 -52.75 -18.70
CA TRP B 271 2.15 -53.46 -19.98
C TRP B 271 2.82 -52.54 -21.00
N ASP B 272 4.05 -52.15 -20.64
CA ASP B 272 4.87 -51.17 -21.40
C ASP B 272 6.20 -51.66 -22.04
N GLN B 273 6.31 -52.96 -22.30
CA GLN B 273 7.50 -53.62 -22.90
C GLN B 273 7.16 -55.12 -23.14
N THR B 274 8.08 -55.85 -23.77
CA THR B 274 7.87 -57.28 -24.16
C THR B 274 7.51 -58.22 -22.99
N LEU B 275 6.28 -58.75 -22.99
CA LEU B 275 5.79 -59.66 -21.91
C LEU B 275 4.44 -60.36 -22.23
N GLY B 276 4.17 -61.46 -21.51
CA GLY B 276 3.01 -62.28 -21.68
C GLY B 276 1.65 -62.02 -20.99
N VAL B 277 1.19 -62.95 -20.16
CA VAL B 277 1.42 -64.37 -20.45
C VAL B 277 0.66 -65.23 -19.42
N VAL B 278 0.22 -66.43 -19.81
CA VAL B 278 -0.55 -67.28 -18.89
C VAL B 278 -0.40 -68.74 -19.23
N ASN B 279 0.15 -69.55 -18.30
CA ASN B 279 0.37 -70.98 -18.57
C ASN B 279 -0.83 -71.84 -18.22
FE1 SF4 C . 13.37 20.12 10.70
FE2 SF4 C . 15.63 18.80 10.36
FE3 SF4 C . 15.39 21.30 9.34
FE4 SF4 C . 15.60 20.86 12.06
S1 SF4 C . 17.22 20.42 10.44
S2 SF4 C . 14.11 22.28 10.97
S3 SF4 C . 14.43 18.94 12.34
S4 SF4 C . 14.24 19.46 8.65
FE1 SF4 D . -11.46 -19.70 -15.92
FE2 SF4 D . -13.33 -18.32 -17.23
FE3 SF4 D . -12.58 -20.85 -18.12
FE4 SF4 D . -14.08 -20.55 -15.81
S1 SF4 D . -14.73 -20.00 -17.94
S2 SF4 D . -12.17 -21.86 -16.09
S3 SF4 D . -13.27 -18.61 -14.94
S4 SF4 D . -11.30 -18.92 -18.09
C ACT E . -6.45 20.20 3.42
O ACT E . -5.69 19.25 3.76
CH3 ACT E . -7.65 20.61 4.23
#